data_9K35
#
_entry.id   9K35
#
_cell.length_a   192.951
_cell.length_b   192.951
_cell.length_c   192.951
_cell.angle_alpha   90.00
_cell.angle_beta   90.00
_cell.angle_gamma   90.00
#
_symmetry.space_group_name_H-M   'I 41 3 2'
#
loop_
_entity.id
_entity.type
_entity.pdbx_description
1 polymer '(R)-selective transaminase'
2 water water
#
_entity_poly.entity_id   1
_entity_poly.type   'polypeptide(L)'
_entity_poly.pdbx_seq_one_letter_code
;ELEQNVYSMEAVLGAHQKRNEILAASSNPLAEGVAWVEGELYPLSEARIPILDQGFLRSDLTYDVPAVWDGRFFRLDDHL
DRLEASCEKMRLKMPMDRSAVRAKLVEMVAKSGIRDAYVELIVTRGLKFIREYQSYENNLYLMVMPYVWAMRPDMQVTGG
PAVVTRTVRRTPPGAMDPTI(LLP)NLQWGDFVRGWLEAMDRGAVYSLLPDGDGNITEGGGYNVCVIKDGVLSTPSRGVL
EGVTRKTVLEVAAAKGYKTVVDFVPVDDLYHADEIFICTTAGGVMPITELDGQKVGGGQVGPITREIWEGYWEAHYDPKY
SFAIDYP
;
_entity_poly.pdbx_strand_id   A
#
# COMPACT_ATOMS: atom_id res chain seq x y z
N VAL A 6 -17.08 -13.35 11.95
CA VAL A 6 -17.60 -12.67 10.75
C VAL A 6 -16.50 -11.86 10.03
N TYR A 7 -15.29 -11.84 10.58
CA TYR A 7 -14.16 -11.26 9.89
C TYR A 7 -13.15 -12.31 9.44
N SER A 8 -13.59 -13.56 9.35
CA SER A 8 -12.79 -14.62 8.75
C SER A 8 -12.50 -14.32 7.28
N MET A 9 -11.53 -15.04 6.73
CA MET A 9 -11.18 -14.86 5.32
C MET A 9 -12.38 -15.14 4.41
N GLU A 10 -13.05 -16.28 4.62
CA GLU A 10 -14.27 -16.63 3.88
C GLU A 10 -15.27 -15.48 3.85
N ALA A 11 -15.65 -14.99 5.03
CA ALA A 11 -16.68 -13.94 5.11
C ALA A 11 -16.22 -12.66 4.43
N VAL A 12 -15.02 -12.20 4.74
CA VAL A 12 -14.55 -10.90 4.24
C VAL A 12 -14.31 -10.96 2.73
N LEU A 13 -13.59 -11.98 2.26
CA LEU A 13 -13.30 -12.10 0.84
C LEU A 13 -14.55 -12.47 0.05
N GLY A 14 -15.41 -13.32 0.62
CA GLY A 14 -16.65 -13.69 -0.06
C GLY A 14 -17.55 -12.50 -0.35
N ALA A 15 -17.74 -11.62 0.65
CA ALA A 15 -18.59 -10.45 0.44
C ALA A 15 -17.98 -9.51 -0.59
N HIS A 16 -16.66 -9.31 -0.53
CA HIS A 16 -15.96 -8.54 -1.56
C HIS A 16 -16.26 -9.08 -2.96
N GLN A 17 -16.25 -10.41 -3.12
CA GLN A 17 -16.51 -10.99 -4.44
C GLN A 17 -17.92 -10.65 -4.92
N LYS A 18 -18.91 -10.69 -4.01
CA LYS A 18 -20.26 -10.27 -4.41
C LYS A 18 -20.29 -8.81 -4.82
N ARG A 19 -19.62 -7.95 -4.07
CA ARG A 19 -19.56 -6.53 -4.44
C ARG A 19 -18.88 -6.35 -5.79
N ASN A 20 -17.86 -7.18 -6.08
CA ASN A 20 -17.19 -7.11 -7.38
C ASN A 20 -18.14 -7.40 -8.53
N GLU A 21 -18.95 -8.45 -8.40
CA GLU A 21 -19.85 -8.79 -9.50
C GLU A 21 -20.91 -7.72 -9.72
N ILE A 22 -21.31 -7.00 -8.66
CA ILE A 22 -22.20 -5.87 -8.83
C ILE A 22 -21.49 -4.75 -9.59
N LEU A 23 -20.23 -4.48 -9.25
CA LEU A 23 -19.51 -3.42 -9.95
C LEU A 23 -19.30 -3.77 -11.41
N ALA A 24 -18.96 -5.03 -11.71
CA ALA A 24 -18.77 -5.46 -13.09
C ALA A 24 -20.01 -5.24 -13.94
N ALA A 25 -21.20 -5.33 -13.34
CA ALA A 25 -22.44 -5.16 -14.07
C ALA A 25 -22.87 -3.70 -14.20
N SER A 26 -22.15 -2.78 -13.58
CA SER A 26 -22.53 -1.37 -13.65
C SER A 26 -22.39 -0.84 -15.07
N SER A 27 -23.35 -0.01 -15.49
CA SER A 27 -23.23 0.76 -16.73
C SER A 27 -22.64 2.15 -16.50
N ASN A 28 -22.23 2.47 -15.28
CA ASN A 28 -21.61 3.76 -14.96
C ASN A 28 -20.28 3.88 -15.69
N PRO A 29 -20.08 4.90 -16.53
CA PRO A 29 -18.77 5.05 -17.21
C PRO A 29 -17.60 5.27 -16.27
N LEU A 30 -17.85 5.56 -14.99
CA LEU A 30 -16.78 5.74 -14.02
C LEU A 30 -16.55 4.49 -13.16
N ALA A 31 -17.33 3.43 -13.39
CA ALA A 31 -17.20 2.19 -12.62
C ALA A 31 -15.82 1.56 -12.74
N GLU A 32 -15.11 1.82 -13.83
CA GLU A 32 -13.74 1.33 -13.98
C GLU A 32 -12.71 2.33 -13.49
N GLY A 33 -13.16 3.42 -12.87
CA GLY A 33 -12.22 4.37 -12.33
C GLY A 33 -12.41 5.76 -12.89
N VAL A 34 -11.96 6.75 -12.13
CA VAL A 34 -12.12 8.16 -12.49
C VAL A 34 -10.88 8.89 -12.02
N ALA A 35 -10.48 9.89 -12.81
CA ALA A 35 -9.33 10.72 -12.47
C ALA A 35 -9.73 12.19 -12.41
N TRP A 36 -9.01 12.94 -11.59
CA TRP A 36 -9.15 14.39 -11.50
C TRP A 36 -7.90 14.99 -12.10
N VAL A 37 -8.06 15.81 -13.13
CA VAL A 37 -6.94 16.43 -13.82
C VAL A 37 -7.32 17.88 -14.09
N GLU A 38 -6.57 18.82 -13.51
CA GLU A 38 -6.74 20.25 -13.77
C GLU A 38 -8.19 20.70 -13.65
N GLY A 39 -8.87 20.22 -12.60
CA GLY A 39 -10.20 20.72 -12.27
C GLY A 39 -11.37 19.96 -12.82
N GLU A 40 -11.14 18.89 -13.58
CA GLU A 40 -12.22 18.14 -14.20
C GLU A 40 -12.04 16.66 -13.94
N LEU A 41 -13.15 15.93 -14.00
CA LEU A 41 -13.19 14.49 -13.80
C LEU A 41 -13.21 13.79 -15.15
N TYR A 42 -12.49 12.67 -15.26
CA TYR A 42 -12.42 11.90 -16.49
C TYR A 42 -12.54 10.41 -16.17
N PRO A 43 -13.10 9.60 -17.08
CA PRO A 43 -12.91 8.15 -16.97
C PRO A 43 -11.42 7.85 -16.97
N LEU A 44 -11.02 6.92 -16.09
CA LEU A 44 -9.59 6.73 -15.81
C LEU A 44 -8.82 6.39 -17.08
N SER A 45 -9.41 5.57 -17.96
CA SER A 45 -8.72 5.19 -19.19
C SER A 45 -8.58 6.34 -20.18
N GLU A 46 -9.24 7.47 -19.94
CA GLU A 46 -9.17 8.61 -20.85
C GLU A 46 -8.36 9.77 -20.27
N ALA A 47 -7.97 9.72 -19.01
CA ALA A 47 -7.29 10.84 -18.39
C ALA A 47 -5.85 10.95 -18.89
N ARG A 48 -5.43 12.18 -19.12
CA ARG A 48 -4.12 12.47 -19.70
C ARG A 48 -3.47 13.62 -18.94
N ILE A 49 -2.16 13.56 -18.82
CA ILE A 49 -1.40 14.58 -18.11
C ILE A 49 -0.38 15.17 -19.09
N PRO A 50 0.09 16.40 -18.85
CA PRO A 50 1.04 17.00 -19.78
C PRO A 50 2.37 16.27 -19.76
N ILE A 51 2.92 16.03 -20.95
CA ILE A 51 4.18 15.30 -21.01
C ILE A 51 5.31 16.08 -20.34
N LEU A 52 5.17 17.41 -20.23
CA LEU A 52 6.20 18.26 -19.62
C LEU A 52 6.19 18.22 -18.10
N ASP A 53 5.27 17.49 -17.50
CA ASP A 53 5.18 17.45 -16.05
C ASP A 53 6.42 16.75 -15.48
N GLN A 54 7.09 17.40 -14.53
CA GLN A 54 8.31 16.86 -13.95
C GLN A 54 8.07 15.59 -13.13
N GLY A 55 6.82 15.32 -12.73
CA GLY A 55 6.50 14.01 -12.16
C GLY A 55 6.76 12.89 -13.15
N PHE A 56 6.62 13.18 -14.44
CA PHE A 56 6.96 12.21 -15.47
C PHE A 56 8.43 12.36 -15.88
N LEU A 57 8.84 13.57 -16.26
CA LEU A 57 10.16 13.79 -16.82
C LEU A 57 11.29 13.55 -15.81
N ARG A 58 10.97 13.44 -14.52
CA ARG A 58 12.02 13.33 -13.52
C ARG A 58 11.57 12.56 -12.29
N SER A 59 10.38 11.96 -12.32
CA SER A 59 9.77 11.30 -11.16
C SER A 59 9.87 12.17 -9.90
N ASP A 60 9.71 13.48 -10.09
CA ASP A 60 9.87 14.45 -9.02
C ASP A 60 8.50 14.66 -8.38
N LEU A 61 8.15 13.76 -7.48
CA LEU A 61 6.79 13.70 -6.96
C LEU A 61 6.78 12.88 -5.69
N THR A 62 5.69 13.03 -4.94
CA THR A 62 5.33 12.10 -3.89
C THR A 62 3.86 11.73 -4.09
N TYR A 63 3.42 10.65 -3.45
CA TYR A 63 2.03 10.23 -3.58
C TYR A 63 1.62 9.47 -2.32
N ASP A 64 0.33 9.20 -2.22
CA ASP A 64 -0.18 8.37 -1.13
C ASP A 64 -1.46 7.68 -1.58
N VAL A 65 -1.82 6.61 -0.87
CA VAL A 65 -2.89 5.71 -1.31
C VAL A 65 -3.76 5.25 -0.14
N PRO A 66 -4.85 5.95 0.18
CA PRO A 66 -5.87 5.35 1.05
C PRO A 66 -6.79 4.44 0.26
N ALA A 67 -7.54 3.60 0.97
CA ALA A 67 -8.48 2.69 0.34
C ALA A 67 -9.87 2.87 0.92
N VAL A 68 -10.87 2.51 0.11
CA VAL A 68 -12.26 2.36 0.55
C VAL A 68 -12.56 0.88 0.59
N TRP A 69 -13.15 0.41 1.69
CA TRP A 69 -13.55 -0.98 1.79
C TRP A 69 -15.00 -1.05 2.21
N ASP A 70 -15.81 -1.77 1.43
CA ASP A 70 -17.23 -1.94 1.73
C ASP A 70 -17.91 -0.58 1.89
N GLY A 71 -17.46 0.40 1.09
CA GLY A 71 -18.05 1.72 1.12
C GLY A 71 -17.60 2.59 2.27
N ARG A 72 -16.51 2.24 2.95
CA ARG A 72 -15.99 3.00 4.07
C ARG A 72 -14.53 3.39 3.82
N PHE A 73 -14.23 4.67 3.93
CA PHE A 73 -12.84 5.11 3.87
C PHE A 73 -12.08 4.71 5.13
N PHE A 74 -10.86 4.17 4.95
CA PHE A 74 -10.06 3.65 6.06
C PHE A 74 -8.83 4.53 6.31
N ARG A 75 -8.83 5.22 7.45
CA ARG A 75 -7.66 5.98 7.92
C ARG A 75 -7.22 7.03 6.91
N LEU A 76 -8.21 7.64 6.21
CA LEU A 76 -7.91 8.66 5.23
C LEU A 76 -7.07 9.79 5.82
N ASP A 77 -7.35 10.18 7.07
CA ASP A 77 -6.62 11.29 7.68
C ASP A 77 -5.17 10.93 8.00
N ASP A 78 -4.89 9.66 8.31
CA ASP A 78 -3.50 9.24 8.45
C ASP A 78 -2.78 9.30 7.11
N HIS A 79 -3.46 8.97 6.01
CA HIS A 79 -2.82 9.05 4.71
C HIS A 79 -2.60 10.50 4.29
N LEU A 80 -3.56 11.37 4.57
CA LEU A 80 -3.40 12.79 4.25
C LEU A 80 -2.27 13.40 5.07
N ASP A 81 -2.12 12.97 6.34
CA ASP A 81 -1.00 13.48 7.14
C ASP A 81 0.33 13.06 6.56
N ARG A 82 0.46 11.79 6.13
CA ARG A 82 1.73 11.37 5.56
C ARG A 82 2.01 12.10 4.25
N LEU A 83 0.98 12.30 3.42
CA LEU A 83 1.19 13.02 2.17
C LEU A 83 1.68 14.44 2.43
N GLU A 84 1.12 15.10 3.45
CA GLU A 84 1.57 16.46 3.73
C GLU A 84 2.99 16.47 4.30
N ALA A 85 3.33 15.48 5.15
CA ALA A 85 4.70 15.37 5.63
C ALA A 85 5.67 15.06 4.49
N SER A 86 5.28 14.16 3.59
CA SER A 86 6.10 13.86 2.40
C SER A 86 6.33 15.12 1.58
N CYS A 87 5.27 15.90 1.32
CA CYS A 87 5.39 17.13 0.54
C CYS A 87 6.35 18.11 1.17
N GLU A 88 6.28 18.23 2.49
CA GLU A 88 7.18 19.15 3.18
C GLU A 88 8.63 18.71 2.99
N LYS A 89 8.89 17.41 3.11
CA LYS A 89 10.24 16.91 2.91
C LYS A 89 10.72 17.15 1.48
N MET A 90 9.80 17.08 0.50
CA MET A 90 10.10 17.30 -0.92
C MET A 90 10.10 18.77 -1.33
N ARG A 91 9.80 19.69 -0.42
CA ARG A 91 9.58 21.10 -0.76
C ARG A 91 8.51 21.26 -1.85
N LEU A 92 7.44 20.50 -1.70
CA LEU A 92 6.23 20.62 -2.49
C LEU A 92 5.13 21.22 -1.62
N LYS A 93 4.19 21.91 -2.26
CA LYS A 93 3.00 22.42 -1.58
C LYS A 93 1.78 21.95 -2.35
N MET A 94 0.96 21.10 -1.73
CA MET A 94 -0.24 20.59 -2.38
C MET A 94 -1.13 21.74 -2.85
N PRO A 95 -1.49 21.79 -4.14
CA PRO A 95 -2.16 22.98 -4.69
C PRO A 95 -3.62 23.11 -4.32
N MET A 96 -4.14 22.26 -3.46
CA MET A 96 -5.53 22.30 -3.05
C MET A 96 -5.58 22.18 -1.54
N ASP A 97 -6.55 22.86 -0.93
CA ASP A 97 -6.72 22.75 0.51
C ASP A 97 -7.10 21.33 0.91
N ARG A 98 -6.61 20.93 2.09
CA ARG A 98 -6.81 19.57 2.57
C ARG A 98 -8.28 19.19 2.63
N SER A 99 -9.12 20.08 3.18
CA SER A 99 -10.54 19.80 3.27
C SER A 99 -11.18 19.68 1.88
N ALA A 100 -10.71 20.48 0.93
CA ALA A 100 -11.21 20.37 -0.44
C ALA A 100 -10.76 19.06 -1.08
N VAL A 101 -9.53 18.61 -0.82
CA VAL A 101 -9.07 17.33 -1.35
C VAL A 101 -9.90 16.20 -0.76
N ARG A 102 -10.09 16.20 0.56
CA ARG A 102 -10.90 15.19 1.21
C ARG A 102 -12.31 15.13 0.62
N ALA A 103 -12.94 16.28 0.39
CA ALA A 103 -14.29 16.29 -0.16
C ALA A 103 -14.30 15.81 -1.62
N LYS A 104 -13.30 16.22 -2.41
CA LYS A 104 -13.17 15.76 -3.79
C LYS A 104 -13.05 14.24 -3.87
N LEU A 105 -12.21 13.65 -3.01
CA LEU A 105 -12.04 12.19 -3.03
C LEU A 105 -13.35 11.47 -2.74
N VAL A 106 -14.11 11.95 -1.74
CA VAL A 106 -15.39 11.33 -1.41
C VAL A 106 -16.36 11.46 -2.58
N GLU A 107 -16.39 12.63 -3.21
CA GLU A 107 -17.23 12.85 -4.39
C GLU A 107 -16.85 11.92 -5.54
N MET A 108 -15.54 11.73 -5.78
CA MET A 108 -15.12 10.85 -6.86
C MET A 108 -15.51 9.41 -6.57
N VAL A 109 -15.27 8.92 -5.35
CA VAL A 109 -15.68 7.57 -5.00
C VAL A 109 -17.18 7.42 -5.12
N ALA A 110 -17.93 8.37 -4.57
CA ALA A 110 -19.39 8.28 -4.60
C ALA A 110 -19.92 8.24 -6.04
N LYS A 111 -19.38 9.09 -6.92
CA LYS A 111 -19.82 9.09 -8.32
C LYS A 111 -19.43 7.81 -9.04
N SER A 112 -18.32 7.18 -8.64
CA SER A 112 -17.90 5.97 -9.34
C SER A 112 -18.81 4.80 -9.01
N GLY A 113 -19.45 4.81 -7.85
CA GLY A 113 -20.16 3.65 -7.36
C GLY A 113 -19.28 2.52 -6.86
N ILE A 114 -17.97 2.74 -6.80
CA ILE A 114 -17.02 1.70 -6.40
C ILE A 114 -17.05 1.55 -4.88
N ARG A 115 -17.35 0.35 -4.39
CA ARG A 115 -17.41 0.11 -2.94
C ARG A 115 -16.06 -0.28 -2.36
N ASP A 116 -15.21 -0.93 -3.15
CA ASP A 116 -13.86 -1.30 -2.73
C ASP A 116 -12.90 -0.62 -3.69
N ALA A 117 -12.15 0.37 -3.21
CA ALA A 117 -11.43 1.29 -4.07
C ALA A 117 -9.98 1.47 -3.63
N TYR A 118 -9.10 1.57 -4.61
CA TYR A 118 -7.74 2.02 -4.44
C TYR A 118 -7.72 3.50 -4.83
N VAL A 119 -7.35 4.37 -3.91
CA VAL A 119 -7.43 5.81 -4.14
C VAL A 119 -6.01 6.37 -4.10
N GLU A 120 -5.58 6.98 -5.20
CA GLU A 120 -4.23 7.51 -5.32
C GLU A 120 -4.23 9.03 -5.45
N LEU A 121 -3.39 9.68 -4.66
CA LEU A 121 -3.13 11.12 -4.76
C LEU A 121 -1.67 11.32 -5.10
N ILE A 122 -1.40 12.15 -6.11
CA ILE A 122 -0.05 12.39 -6.59
C ILE A 122 0.18 13.90 -6.59
N VAL A 123 1.26 14.34 -5.96
CA VAL A 123 1.69 15.73 -5.98
C VAL A 123 3.05 15.79 -6.67
N THR A 124 3.14 16.54 -7.78
CA THR A 124 4.38 16.62 -8.53
C THR A 124 4.98 18.01 -8.46
N ARG A 125 6.27 18.10 -8.80
CA ARG A 125 6.97 19.37 -8.88
C ARG A 125 6.27 20.37 -9.80
N GLY A 126 5.51 19.88 -10.78
CA GLY A 126 4.91 20.73 -11.78
C GLY A 126 5.71 20.77 -13.06
N LEU A 127 5.69 21.90 -13.75
CA LEU A 127 6.35 22.01 -15.05
C LEU A 127 7.78 22.51 -14.97
N LYS A 128 8.21 23.08 -13.85
CA LYS A 128 9.54 23.67 -13.77
C LYS A 128 10.53 22.72 -13.11
N PHE A 129 11.78 22.80 -13.57
CA PHE A 129 12.87 22.01 -13.03
C PHE A 129 13.17 22.40 -11.57
N ILE A 130 13.73 21.45 -10.82
CA ILE A 130 14.01 21.64 -9.39
C ILE A 130 14.73 22.95 -9.09
N ARG A 131 15.57 23.42 -10.02
CA ARG A 131 16.28 24.68 -9.81
C ARG A 131 15.32 25.86 -9.59
N GLU A 132 14.07 25.75 -10.04
CA GLU A 132 13.05 26.77 -9.84
C GLU A 132 11.93 26.32 -8.91
N TYR A 133 12.23 25.41 -7.97
CA TYR A 133 11.18 24.86 -7.10
C TYR A 133 10.53 25.90 -6.20
N GLN A 134 11.15 27.08 -6.03
CA GLN A 134 10.69 28.04 -5.04
C GLN A 134 9.50 28.87 -5.49
N SER A 135 9.04 28.70 -6.73
CA SER A 135 7.74 29.27 -7.07
C SER A 135 6.59 28.35 -6.65
N TYR A 136 6.90 27.13 -6.23
CA TYR A 136 5.93 26.14 -5.76
C TYR A 136 4.73 26.01 -6.69
N GLU A 137 5.01 25.84 -7.98
CA GLU A 137 3.94 25.67 -8.96
C GLU A 137 3.69 24.18 -9.19
N ASN A 138 3.32 23.52 -8.10
CA ASN A 138 3.23 22.07 -8.06
C ASN A 138 1.86 21.61 -8.58
N ASN A 139 1.80 20.38 -9.07
CA ASN A 139 0.58 19.86 -9.66
C ASN A 139 -0.01 18.75 -8.79
N LEU A 140 -1.30 18.55 -8.95
CA LEU A 140 -2.04 17.54 -8.21
C LEU A 140 -2.86 16.68 -9.17
N TYR A 141 -2.82 15.37 -8.94
CA TYR A 141 -3.64 14.39 -9.65
C TYR A 141 -4.29 13.47 -8.63
N LEU A 142 -5.56 13.15 -8.85
CA LEU A 142 -6.32 12.23 -8.02
C LEU A 142 -6.85 11.08 -8.88
N MET A 143 -6.76 9.85 -8.37
CA MET A 143 -7.30 8.69 -9.06
C MET A 143 -8.10 7.81 -8.10
N VAL A 144 -9.21 7.28 -8.59
CA VAL A 144 -10.05 6.32 -7.87
C VAL A 144 -10.30 5.16 -8.81
N MET A 145 -10.03 3.94 -8.37
CA MET A 145 -10.16 2.77 -9.22
C MET A 145 -10.52 1.58 -8.34
N PRO A 146 -10.98 0.47 -8.94
CA PRO A 146 -11.35 -0.69 -8.12
C PRO A 146 -10.17 -1.21 -7.32
N TYR A 147 -10.46 -1.77 -6.14
CA TYR A 147 -9.44 -2.21 -5.20
C TYR A 147 -8.39 -3.07 -5.89
N VAL A 148 -7.13 -2.78 -5.60
CA VAL A 148 -5.97 -3.49 -6.16
C VAL A 148 -5.44 -4.46 -5.11
N TRP A 149 -5.15 -5.69 -5.54
CA TRP A 149 -4.69 -6.79 -4.70
C TRP A 149 -3.25 -7.10 -5.05
N ALA A 150 -2.31 -6.74 -4.18
CA ALA A 150 -0.93 -7.17 -4.41
C ALA A 150 -0.82 -8.69 -4.33
N MET A 151 -1.63 -9.32 -3.48
CA MET A 151 -1.78 -10.76 -3.39
C MET A 151 -3.28 -11.02 -3.50
N ARG A 152 -3.68 -11.74 -4.53
CA ARG A 152 -5.09 -11.91 -4.82
C ARG A 152 -5.77 -12.71 -3.71
N PRO A 153 -7.08 -12.54 -3.53
CA PRO A 153 -7.79 -13.27 -2.47
C PRO A 153 -7.50 -14.76 -2.41
N ASP A 154 -7.60 -15.48 -3.53
CA ASP A 154 -7.37 -16.93 -3.51
CA ASP A 154 -7.38 -16.92 -3.46
C ASP A 154 -5.96 -17.27 -3.03
N MET A 155 -5.00 -16.37 -3.23
CA MET A 155 -3.65 -16.66 -2.75
C MET A 155 -3.48 -16.31 -1.27
N GLN A 156 -4.25 -15.36 -0.74
CA GLN A 156 -4.13 -15.06 0.69
C GLN A 156 -4.57 -16.25 1.53
N VAL A 157 -5.50 -17.07 1.03
CA VAL A 157 -5.95 -18.24 1.77
C VAL A 157 -4.82 -19.23 1.97
N THR A 158 -3.93 -19.35 0.98
CA THR A 158 -2.81 -20.29 1.06
C THR A 158 -1.50 -19.61 1.44
N GLY A 159 -1.41 -18.28 1.35
CA GLY A 159 -0.14 -17.58 1.38
C GLY A 159 0.58 -17.71 0.05
N GLY A 160 1.60 -16.87 -0.11
CA GLY A 160 2.35 -16.80 -1.36
C GLY A 160 3.85 -17.01 -1.18
N PRO A 161 4.57 -17.22 -2.30
CA PRO A 161 6.02 -17.47 -2.22
C PRO A 161 6.86 -16.20 -2.39
N ALA A 162 7.94 -16.12 -1.62
CA ALA A 162 8.85 -14.98 -1.67
C ALA A 162 10.30 -15.44 -1.83
N VAL A 163 11.17 -14.49 -2.16
CA VAL A 163 12.61 -14.66 -2.08
C VAL A 163 13.22 -13.44 -1.42
N VAL A 164 14.34 -13.64 -0.75
CA VAL A 164 15.26 -12.55 -0.41
C VAL A 164 16.12 -12.31 -1.64
N THR A 165 16.06 -11.11 -2.18
CA THR A 165 16.78 -10.82 -3.42
C THR A 165 18.29 -10.84 -3.19
N ARG A 166 19.01 -11.30 -4.21
CA ARG A 166 20.46 -11.32 -4.21
C ARG A 166 21.05 -10.60 -5.42
N THR A 167 20.22 -10.12 -6.36
CA THR A 167 20.67 -9.27 -7.46
C THR A 167 20.26 -7.82 -7.28
N VAL A 168 19.54 -7.49 -6.22
CA VAL A 168 19.11 -6.11 -5.98
C VAL A 168 19.01 -5.92 -4.47
N ARG A 169 19.34 -4.71 -4.02
CA ARG A 169 19.09 -4.31 -2.64
C ARG A 169 18.35 -2.98 -2.64
N ARG A 170 17.80 -2.63 -1.48
CA ARG A 170 16.99 -1.43 -1.34
C ARG A 170 17.83 -0.17 -1.58
N THR A 171 17.24 0.80 -2.27
CA THR A 171 17.81 2.14 -2.30
C THR A 171 17.97 2.65 -0.88
N PRO A 172 19.19 3.01 -0.46
CA PRO A 172 19.42 3.39 0.94
C PRO A 172 18.83 4.76 1.26
N PRO A 173 18.54 5.03 2.54
CA PRO A 173 17.95 6.34 2.91
C PRO A 173 18.83 7.54 2.60
N GLY A 174 20.15 7.37 2.52
CA GLY A 174 21.02 8.47 2.12
C GLY A 174 20.96 8.80 0.64
N ALA A 175 20.29 7.97 -0.17
CA ALA A 175 20.04 8.24 -1.57
C ALA A 175 18.64 8.75 -1.82
N MET A 176 17.66 8.15 -1.16
CA MET A 176 16.26 8.57 -1.23
C MET A 176 15.61 8.21 0.10
N ASP A 177 14.91 9.15 0.69
CA ASP A 177 14.28 8.91 2.00
C ASP A 177 13.10 7.97 1.83
N PRO A 178 13.15 6.74 2.38
CA PRO A 178 12.05 5.80 2.18
C PRO A 178 10.77 6.12 2.96
N THR A 179 10.81 7.07 3.91
CA THR A 179 9.59 7.52 4.56
C THR A 179 8.79 8.50 3.69
N ILE A 180 9.34 8.92 2.54
CA ILE A 180 8.56 9.62 1.51
C ILE A 180 8.03 8.57 0.55
N ASN A 182 7.09 7.18 -2.64
CA ASN A 182 7.54 7.71 -3.93
C ASN A 182 7.42 6.63 -4.98
N LEU A 183 7.59 7.04 -6.23
CA LEU A 183 7.35 6.17 -7.37
C LEU A 183 8.63 5.83 -8.09
N GLN A 184 9.78 6.00 -7.42
CA GLN A 184 11.08 5.68 -8.00
C GLN A 184 11.40 4.22 -7.68
N TRP A 185 10.80 3.33 -8.48
CA TRP A 185 10.74 1.91 -8.17
C TRP A 185 11.82 1.10 -8.87
N GLY A 186 12.98 1.71 -9.17
CA GLY A 186 14.01 0.97 -9.89
C GLY A 186 14.38 -0.33 -9.18
N ASP A 187 14.59 -0.25 -7.86
CA ASP A 187 14.97 -1.42 -7.09
C ASP A 187 13.80 -2.40 -6.98
N PHE A 188 12.60 -1.90 -6.71
CA PHE A 188 11.45 -2.77 -6.52
C PHE A 188 11.12 -3.54 -7.79
N VAL A 189 11.16 -2.86 -8.94
CA VAL A 189 10.91 -3.51 -10.23
C VAL A 189 11.94 -4.61 -10.46
N ARG A 190 13.22 -4.36 -10.16
CA ARG A 190 14.22 -5.40 -10.25
C ARG A 190 13.89 -6.58 -9.35
N GLY A 191 13.33 -6.31 -8.16
CA GLY A 191 12.94 -7.38 -7.26
C GLY A 191 11.82 -8.26 -7.80
N TRP A 192 10.81 -7.64 -8.43
CA TRP A 192 9.76 -8.42 -9.07
C TRP A 192 10.33 -9.31 -10.17
N LEU A 193 11.32 -8.81 -10.92
CA LEU A 193 11.92 -9.59 -11.98
C LEU A 193 12.74 -10.74 -11.42
N GLU A 194 13.51 -10.50 -10.34
CA GLU A 194 14.31 -11.57 -9.76
C GLU A 194 13.41 -12.70 -9.22
N ALA A 195 12.37 -12.33 -8.48
CA ALA A 195 11.42 -13.32 -7.96
C ALA A 195 10.84 -14.17 -9.09
N MET A 196 10.42 -13.52 -10.18
CA MET A 196 9.89 -14.27 -11.32
C MET A 196 10.96 -15.18 -11.91
N ASP A 197 12.17 -14.66 -12.11
CA ASP A 197 13.28 -15.50 -12.59
C ASP A 197 13.52 -16.70 -11.69
N ARG A 198 13.37 -16.54 -10.38
CA ARG A 198 13.82 -17.58 -9.47
C ARG A 198 12.71 -18.53 -9.02
N GLY A 199 11.45 -18.31 -9.42
CA GLY A 199 10.42 -19.22 -8.99
C GLY A 199 9.66 -18.78 -7.75
N ALA A 200 9.44 -17.48 -7.61
CA ALA A 200 8.63 -16.93 -6.53
C ALA A 200 7.79 -15.80 -7.12
N VAL A 201 7.05 -15.11 -6.26
CA VAL A 201 6.27 -13.93 -6.64
C VAL A 201 6.75 -12.68 -5.92
N TYR A 202 6.89 -12.75 -4.60
CA TYR A 202 7.19 -11.57 -3.78
C TYR A 202 8.69 -11.49 -3.50
N SER A 203 9.22 -10.27 -3.51
CA SER A 203 10.62 -10.05 -3.25
C SER A 203 10.79 -9.24 -1.97
N LEU A 204 11.80 -9.61 -1.18
CA LEU A 204 12.15 -8.93 0.05
C LEU A 204 13.57 -8.42 -0.09
N LEU A 205 13.74 -7.10 -0.02
CA LEU A 205 15.03 -6.55 -0.38
C LEU A 205 15.90 -6.34 0.84
N PRO A 206 17.14 -6.81 0.83
CA PRO A 206 18.08 -6.48 1.91
C PRO A 206 18.54 -5.03 1.80
N ASP A 207 19.18 -4.55 2.87
CA ASP A 207 19.73 -3.20 2.88
C ASP A 207 21.19 -3.14 2.50
N GLY A 208 21.83 -4.27 2.23
CA GLY A 208 23.24 -4.29 1.93
C GLY A 208 24.13 -4.57 3.12
N ASP A 209 23.61 -4.54 4.34
CA ASP A 209 24.42 -4.78 5.52
C ASP A 209 23.83 -5.88 6.40
N GLY A 210 23.04 -6.78 5.83
CA GLY A 210 22.53 -7.94 6.55
C GLY A 210 21.10 -7.87 7.07
N ASN A 211 20.39 -6.79 6.79
CA ASN A 211 19.04 -6.61 7.32
C ASN A 211 18.02 -6.55 6.19
N ILE A 212 16.80 -6.95 6.48
CA ILE A 212 15.73 -6.91 5.48
C ILE A 212 15.02 -5.56 5.60
N THR A 213 14.43 -5.10 4.49
CA THR A 213 13.73 -3.83 4.50
C THR A 213 12.28 -4.02 4.09
N GLU A 214 12.00 -3.90 2.79
CA GLU A 214 10.63 -3.96 2.31
C GLU A 214 10.65 -4.43 0.86
N GLY A 215 9.49 -4.43 0.23
CA GLY A 215 9.37 -4.82 -1.15
C GLY A 215 8.48 -3.85 -1.91
N GLY A 216 8.38 -4.11 -3.21
CA GLY A 216 7.69 -3.22 -4.11
C GLY A 216 6.22 -3.17 -3.84
N GLY A 217 5.86 -2.32 -2.87
CA GLY A 217 4.50 -2.08 -2.50
C GLY A 217 4.17 -2.35 -1.05
N TYR A 218 5.08 -2.84 -0.20
CA TYR A 218 4.62 -3.45 1.05
C TYR A 218 5.74 -3.52 2.09
N ASN A 219 5.35 -3.47 3.37
CA ASN A 219 6.23 -3.76 4.49
C ASN A 219 6.27 -5.26 4.77
N VAL A 220 7.25 -5.70 5.57
CA VAL A 220 7.35 -7.10 5.97
C VAL A 220 7.36 -7.19 7.49
N CYS A 221 6.60 -8.17 8.02
CA CYS A 221 6.52 -8.49 9.44
C CYS A 221 6.94 -9.93 9.67
N VAL A 222 7.81 -10.15 10.65
CA VAL A 222 8.38 -11.46 10.94
C VAL A 222 7.99 -11.86 12.35
N ILE A 223 7.44 -13.06 12.49
CA ILE A 223 6.94 -13.54 13.78
C ILE A 223 7.81 -14.68 14.28
N LYS A 224 8.21 -14.60 15.54
CA LYS A 224 9.06 -15.60 16.18
C LYS A 224 8.67 -15.67 17.65
N ASP A 225 8.17 -16.82 18.09
CA ASP A 225 7.80 -17.05 19.48
C ASP A 225 6.86 -15.97 20.03
N GLY A 226 5.83 -15.63 19.25
CA GLY A 226 4.87 -14.65 19.69
C GLY A 226 5.34 -13.21 19.67
N VAL A 227 6.46 -12.92 19.01
CA VAL A 227 6.98 -11.56 18.87
C VAL A 227 6.90 -11.18 17.41
N LEU A 228 6.18 -10.10 17.11
CA LEU A 228 6.13 -9.55 15.76
C LEU A 228 7.24 -8.49 15.63
N SER A 229 8.15 -8.71 14.69
CA SER A 229 9.23 -7.78 14.43
C SER A 229 9.07 -7.17 13.04
N THR A 230 9.36 -5.86 12.92
CA THR A 230 9.27 -5.25 11.59
C THR A 230 10.36 -4.18 11.50
N PRO A 231 10.98 -3.99 10.34
CA PRO A 231 12.11 -3.04 10.24
C PRO A 231 11.69 -1.61 10.54
N SER A 232 12.54 -0.88 11.26
CA SER A 232 12.35 0.54 11.53
C SER A 232 12.97 1.43 10.46
N ARG A 233 14.19 1.10 10.04
CA ARG A 233 14.98 1.88 9.12
C ARG A 233 14.81 1.34 7.69
N GLY A 234 14.87 2.22 6.71
CA GLY A 234 14.96 1.80 5.32
C GLY A 234 13.66 1.52 4.63
N VAL A 235 12.53 1.85 5.26
CA VAL A 235 11.21 1.44 4.79
C VAL A 235 10.22 2.58 4.98
N LEU A 236 9.12 2.51 4.24
CA LEU A 236 7.99 3.38 4.50
C LEU A 236 7.33 2.97 5.82
N GLU A 237 6.87 3.96 6.56
CA GLU A 237 6.09 3.70 7.77
C GLU A 237 4.66 3.47 7.35
N GLY A 238 4.33 2.22 7.01
CA GLY A 238 3.05 1.93 6.41
C GLY A 238 1.90 2.19 7.38
N VAL A 239 0.75 2.54 6.81
CA VAL A 239 -0.48 2.64 7.60
C VAL A 239 -1.04 1.25 7.90
N THR A 240 -0.86 0.30 6.98
CA THR A 240 -1.22 -1.09 7.29
C THR A 240 -0.36 -1.62 8.42
N ARG A 241 0.96 -1.42 8.32
CA ARG A 241 1.88 -1.80 9.37
C ARG A 241 1.50 -1.19 10.71
N LYS A 242 1.12 0.09 10.70
CA LYS A 242 0.64 0.75 11.90
C LYS A 242 -0.55 0.01 12.50
N THR A 243 -1.55 -0.30 11.66
CA THR A 243 -2.73 -1.01 12.14
C THR A 243 -2.36 -2.39 12.68
N VAL A 244 -1.46 -3.09 11.97
CA VAL A 244 -1.01 -4.41 12.38
C VAL A 244 -0.37 -4.37 13.76
N LEU A 245 0.48 -3.36 14.02
CA LEU A 245 1.11 -3.24 15.33
C LEU A 245 0.07 -3.02 16.42
N GLU A 246 -0.93 -2.17 16.15
CA GLU A 246 -2.01 -1.96 17.12
C GLU A 246 -2.79 -3.25 17.37
N VAL A 247 -3.13 -3.99 16.31
CA VAL A 247 -3.94 -5.19 16.47
C VAL A 247 -3.16 -6.26 17.22
N ALA A 248 -1.91 -6.50 16.82
CA ALA A 248 -1.09 -7.53 17.46
C ALA A 248 -0.93 -7.26 18.95
N ALA A 249 -0.74 -5.98 19.32
CA ALA A 249 -0.64 -5.63 20.73
C ALA A 249 -1.95 -5.95 21.45
N ALA A 250 -3.08 -5.51 20.88
CA ALA A 250 -4.39 -5.72 21.50
C ALA A 250 -4.66 -7.19 21.78
N LYS A 251 -4.07 -8.09 21.00
CA LYS A 251 -4.39 -9.50 21.11
C LYS A 251 -3.36 -10.27 21.96
N GLY A 252 -2.40 -9.59 22.56
CA GLY A 252 -1.49 -10.21 23.51
C GLY A 252 -0.15 -10.68 22.97
N TYR A 253 0.37 -10.03 21.93
CA TYR A 253 1.67 -10.36 21.34
C TYR A 253 2.60 -9.16 21.50
N LYS A 254 3.90 -9.43 21.60
CA LYS A 254 4.89 -8.37 21.63
C LYS A 254 5.18 -7.88 20.22
N THR A 255 5.43 -6.59 20.09
CA THR A 255 5.80 -5.96 18.84
C THR A 255 7.15 -5.26 19.00
N VAL A 256 7.98 -5.36 17.96
CA VAL A 256 9.31 -4.76 17.95
C VAL A 256 9.48 -4.04 16.63
N VAL A 257 9.82 -2.76 16.67
CA VAL A 257 10.15 -2.01 15.46
C VAL A 257 11.62 -1.69 15.55
N ASP A 258 12.42 -2.36 14.72
CA ASP A 258 13.86 -2.37 14.92
C ASP A 258 14.51 -3.12 13.76
N PHE A 259 15.83 -3.24 13.75
CA PHE A 259 16.51 -3.96 12.68
C PHE A 259 16.13 -5.45 12.69
N VAL A 260 15.79 -5.98 11.53
CA VAL A 260 15.46 -7.38 11.36
C VAL A 260 16.50 -8.02 10.44
N PRO A 261 17.44 -8.78 11.00
CA PRO A 261 18.45 -9.43 10.14
C PRO A 261 17.81 -10.38 9.14
N VAL A 262 18.39 -10.40 7.93
CA VAL A 262 17.95 -11.33 6.89
C VAL A 262 17.92 -12.74 7.42
N ASP A 263 18.93 -13.11 8.20
CA ASP A 263 19.02 -14.46 8.74
C ASP A 263 17.83 -14.81 9.63
N ASP A 264 17.16 -13.82 10.23
CA ASP A 264 15.99 -14.13 11.05
C ASP A 264 14.81 -14.60 10.23
N LEU A 265 14.74 -14.19 8.95
CA LEU A 265 13.67 -14.65 8.07
C LEU A 265 13.63 -16.16 7.98
N TYR A 266 14.80 -16.82 8.01
CA TYR A 266 14.90 -18.25 7.78
C TYR A 266 14.55 -19.06 9.00
N HIS A 267 14.41 -18.43 10.16
CA HIS A 267 14.03 -19.13 11.39
C HIS A 267 12.68 -18.71 11.91
N ALA A 268 11.94 -17.89 11.15
CA ALA A 268 10.67 -17.35 11.60
C ALA A 268 9.65 -18.46 11.79
N ASP A 269 8.68 -18.22 12.68
CA ASP A 269 7.51 -19.08 12.72
C ASP A 269 6.49 -18.67 11.67
N GLU A 270 6.37 -17.37 11.41
CA GLU A 270 5.44 -16.85 10.41
C GLU A 270 6.04 -15.60 9.77
N ILE A 271 5.61 -15.31 8.55
CA ILE A 271 5.97 -14.10 7.83
C ILE A 271 4.74 -13.62 7.08
N PHE A 272 4.48 -12.31 7.12
CA PHE A 272 3.53 -11.75 6.16
C PHE A 272 4.03 -10.39 5.68
N ILE A 273 3.50 -9.95 4.55
CA ILE A 273 3.72 -8.61 4.03
C ILE A 273 2.40 -7.85 4.08
N CYS A 274 2.47 -6.53 4.18
CA CYS A 274 1.25 -5.77 4.35
C CYS A 274 1.34 -4.44 3.62
N THR A 275 0.19 -3.97 3.15
CA THR A 275 0.08 -2.80 2.31
C THR A 275 -1.39 -2.49 2.15
N THR A 276 -1.69 -1.22 1.85
CA THR A 276 -3.06 -0.83 1.57
C THR A 276 -3.62 -1.60 0.38
N ALA A 277 -2.77 -1.94 -0.58
CA ALA A 277 -3.21 -2.69 -1.77
C ALA A 277 -3.18 -4.18 -1.50
N GLY A 278 -4.07 -4.62 -0.60
CA GLY A 278 -4.21 -6.04 -0.35
C GLY A 278 -4.39 -6.40 1.11
N GLY A 279 -3.83 -5.59 2.00
CA GLY A 279 -4.01 -5.77 3.44
C GLY A 279 -2.89 -6.62 4.05
N VAL A 280 -3.27 -7.72 4.71
CA VAL A 280 -2.34 -8.60 5.38
C VAL A 280 -2.15 -9.83 4.49
N MET A 281 -0.93 -10.07 4.04
CA MET A 281 -0.70 -11.02 2.95
C MET A 281 0.31 -12.09 3.35
N PRO A 282 -0.15 -13.30 3.67
CA PRO A 282 0.76 -14.30 4.27
C PRO A 282 1.80 -14.80 3.28
N ILE A 283 3.02 -14.97 3.78
CA ILE A 283 4.13 -15.54 3.02
C ILE A 283 4.41 -16.91 3.61
N THR A 284 4.17 -17.97 2.83
CA THR A 284 4.30 -19.33 3.33
C THR A 284 5.44 -20.11 2.66
N GLU A 285 6.17 -19.49 1.75
CA GLU A 285 7.38 -20.09 1.21
C GLU A 285 8.42 -19.01 1.02
N LEU A 286 9.67 -19.31 1.38
CA LEU A 286 10.77 -18.35 1.27
C LEU A 286 11.98 -19.07 0.70
N ASP A 287 12.55 -18.51 -0.38
CA ASP A 287 13.71 -19.10 -1.07
C ASP A 287 13.47 -20.60 -1.33
N GLY A 288 12.25 -20.95 -1.70
CA GLY A 288 11.97 -22.34 -2.02
C GLY A 288 11.67 -23.25 -0.84
N GLN A 289 11.74 -22.75 0.41
CA GLN A 289 11.44 -23.57 1.58
C GLN A 289 10.18 -23.06 2.29
N LYS A 290 9.50 -23.99 2.96
CA LYS A 290 8.36 -23.64 3.79
C LYS A 290 8.75 -22.60 4.84
N VAL A 291 7.87 -21.64 5.03
CA VAL A 291 7.90 -20.76 6.20
C VAL A 291 7.04 -21.42 7.26
N GLY A 292 7.62 -21.69 8.42
CA GLY A 292 6.86 -22.39 9.44
C GLY A 292 6.28 -23.67 8.88
N GLY A 293 4.97 -23.85 9.05
CA GLY A 293 4.30 -25.03 8.57
C GLY A 293 3.86 -24.94 7.14
N GLY A 294 4.24 -23.88 6.43
CA GLY A 294 3.84 -23.75 5.04
C GLY A 294 2.39 -23.42 4.83
N GLN A 295 1.67 -23.11 5.90
CA GLN A 295 0.28 -22.66 5.89
C GLN A 295 0.20 -21.32 6.61
N VAL A 296 -0.94 -20.65 6.46
CA VAL A 296 -1.14 -19.38 7.15
C VAL A 296 -1.11 -19.64 8.65
N GLY A 297 -0.16 -19.02 9.35
CA GLY A 297 0.01 -19.25 10.76
C GLY A 297 -1.12 -18.69 11.60
N PRO A 298 -1.24 -19.18 12.84
CA PRO A 298 -2.34 -18.73 13.70
C PRO A 298 -2.25 -17.27 14.10
N ILE A 299 -1.04 -16.73 14.25
CA ILE A 299 -0.93 -15.33 14.65
C ILE A 299 -1.24 -14.42 13.47
N THR A 300 -0.69 -14.74 12.30
CA THR A 300 -1.06 -14.03 11.07
C THR A 300 -2.58 -14.00 10.90
N ARG A 301 -3.23 -15.15 11.10
CA ARG A 301 -4.68 -15.22 10.93
C ARG A 301 -5.41 -14.29 11.90
N GLU A 302 -5.00 -14.28 13.18
CA GLU A 302 -5.61 -13.36 14.14
C GLU A 302 -5.43 -11.91 13.69
N ILE A 303 -4.24 -11.58 13.19
CA ILE A 303 -3.95 -10.20 12.77
C ILE A 303 -4.76 -9.86 11.53
N TRP A 304 -4.85 -10.80 10.59
CA TRP A 304 -5.62 -10.61 9.38
C TRP A 304 -7.06 -10.25 9.71
N GLU A 305 -7.71 -11.04 10.58
CA GLU A 305 -9.10 -10.79 10.95
C GLU A 305 -9.25 -9.47 11.70
N GLY A 306 -8.31 -9.16 12.58
CA GLY A 306 -8.40 -7.91 13.30
C GLY A 306 -8.17 -6.71 12.41
N TYR A 307 -7.34 -6.87 11.37
CA TYR A 307 -7.15 -5.79 10.41
C TYR A 307 -8.45 -5.42 9.71
N TRP A 308 -9.20 -6.42 9.26
CA TRP A 308 -10.42 -6.12 8.53
C TRP A 308 -11.55 -5.71 9.46
N GLU A 309 -11.57 -6.22 10.68
CA GLU A 309 -12.52 -5.71 11.67
C GLU A 309 -12.35 -4.21 11.88
N ALA A 310 -11.10 -3.72 11.87
CA ALA A 310 -10.84 -2.31 12.08
C ALA A 310 -11.47 -1.42 11.01
N HIS A 311 -11.73 -1.98 9.82
CA HIS A 311 -12.34 -1.23 8.73
C HIS A 311 -13.79 -0.87 9.01
N TYR A 312 -14.39 -1.43 10.06
CA TYR A 312 -15.75 -1.08 10.48
C TYR A 312 -15.77 -0.32 11.79
N ASP A 313 -14.60 0.08 12.29
CA ASP A 313 -14.51 0.82 13.54
C ASP A 313 -14.58 2.32 13.24
N PRO A 314 -15.58 3.03 13.76
CA PRO A 314 -15.69 4.48 13.45
C PRO A 314 -14.51 5.31 13.94
N LYS A 315 -13.68 4.76 14.83
CA LYS A 315 -12.43 5.42 15.19
C LYS A 315 -11.45 5.50 14.02
N TYR A 316 -11.50 4.53 13.08
CA TYR A 316 -10.56 4.46 11.97
C TYR A 316 -11.21 4.65 10.60
N SER A 317 -12.53 4.83 10.54
CA SER A 317 -13.19 4.74 9.25
C SER A 317 -14.50 5.50 9.29
N PHE A 318 -14.94 5.96 8.12
CA PHE A 318 -16.26 6.56 7.95
C PHE A 318 -16.87 6.09 6.63
N ALA A 319 -18.20 6.08 6.58
CA ALA A 319 -18.95 5.54 5.46
C ALA A 319 -19.25 6.61 4.43
N ILE A 320 -19.15 6.24 3.15
CA ILE A 320 -19.44 7.15 2.04
C ILE A 320 -20.92 7.05 1.66
N ASP A 321 -21.55 8.22 1.46
CA ASP A 321 -22.96 8.30 1.03
C ASP A 321 -23.02 8.21 -0.49
N TYR A 322 -23.37 7.03 -1.00
CA TYR A 322 -23.49 6.80 -2.44
C TYR A 322 -24.88 7.21 -2.93
N PRO A 323 -24.95 7.79 -4.13
CA PRO A 323 -26.21 8.26 -4.72
C PRO A 323 -27.18 7.11 -4.97
#